data_7DM6
#
_entry.id   7DM6
#
_cell.length_a   118.794
_cell.length_b   118.794
_cell.length_c   39.630
_cell.angle_alpha   90.000
_cell.angle_beta   90.000
_cell.angle_gamma   120.000
#
_symmetry.space_group_name_H-M   'P 61'
#
loop_
_entity.id
_entity.type
_entity.pdbx_description
1 polymer 'Guanosine deaminase'
2 non-polymer 'ZINC ION'
3 non-polymer 6-azanyl-9-[(2R,3R,4S,5R)-5-(hydroxymethyl)-3,4-bis(oxidanyl)oxolan-2-yl]-1H-purin-2-one
4 water water
#
_entity_poly.entity_id   1
_entity_poly.type   'polypeptide(L)'
_entity_poly.pdbx_seq_one_letter_code
;GPHMSDHKFLTQAVEEAYKGVDCGDGGPFGAVIVHNNEVVASCHNMVLKYTDPTAHAEVTAIREACKKLNKIELSECEIY
ASCEPCPMCFGAIHLSRLKRLVYGAKAEAAIAIGFDDFIADALRGTGVYQKSSLEIKKADGNGAAIAEQVFQNTKEKFRL
Y
;
_entity_poly.pdbx_strand_id   A,D
#
loop_
_chem_comp.id
_chem_comp.type
_chem_comp.name
_chem_comp.formula
H5F non-polymer 6-azanyl-9-[(2R,3R,4S,5R)-5-(hydroxymethyl)-3,4-bis(oxidanyl)oxolan-2-yl]-1H-purin-2-one 'C10 H13 N5 O5'
ZN non-polymer 'ZINC ION' 'Zn 2'
#
# COMPACT_ATOMS: atom_id res chain seq x y z
N SER A 5 15.02 -8.11 22.54
CA SER A 5 13.68 -7.92 22.01
C SER A 5 13.71 -7.66 20.50
N ASP A 6 14.58 -6.75 20.08
CA ASP A 6 14.71 -6.46 18.65
C ASP A 6 15.06 -7.72 17.86
N HIS A 7 16.09 -8.45 18.28
CA HIS A 7 16.49 -9.66 17.57
C HIS A 7 15.40 -10.72 17.63
N LYS A 8 14.72 -10.85 18.78
CA LYS A 8 13.66 -11.83 18.92
C LYS A 8 12.54 -11.62 17.90
N PHE A 9 12.04 -10.38 17.81
CA PHE A 9 10.93 -10.12 16.90
C PHE A 9 11.36 -10.11 15.44
N LEU A 10 12.59 -9.66 15.16
CA LEU A 10 13.11 -9.78 13.80
C LEU A 10 13.21 -11.24 13.37
N THR A 11 13.70 -12.10 14.27
CA THR A 11 13.79 -13.52 13.97
C THR A 11 12.40 -14.13 13.78
N GLN A 12 11.41 -13.64 14.53
CA GLN A 12 10.05 -14.13 14.33
C GLN A 12 9.52 -13.73 12.95
N ALA A 13 9.82 -12.51 12.50
CA ALA A 13 9.41 -12.10 11.16
C ALA A 13 10.08 -12.97 10.10
N VAL A 14 11.36 -13.29 10.30
CA VAL A 14 12.05 -14.18 9.37
C VAL A 14 11.42 -15.56 9.35
N GLU A 15 11.06 -16.07 10.53
CA GLU A 15 10.36 -17.35 10.63
C GLU A 15 9.04 -17.31 9.87
N GLU A 16 8.32 -16.19 9.97
CA GLU A 16 7.09 -16.03 9.21
C GLU A 16 7.34 -16.10 7.71
N ALA A 17 8.43 -15.46 7.25
CA ALA A 17 8.80 -15.55 5.84
C ALA A 17 8.98 -17.01 5.42
N TYR A 18 9.78 -17.75 6.20
CA TYR A 18 10.00 -19.17 5.89
C TYR A 18 8.69 -19.94 5.89
N LYS A 19 7.80 -19.67 6.85
CA LYS A 19 6.55 -20.41 6.93
C LYS A 19 5.69 -20.16 5.70
N GLY A 20 5.55 -18.87 5.33
CA GLY A 20 4.75 -18.53 4.17
C GLY A 20 5.28 -19.15 2.90
N VAL A 21 6.62 -19.23 2.77
CA VAL A 21 7.19 -19.92 1.62
C VAL A 21 6.83 -21.40 1.66
N ASP A 22 6.94 -22.02 2.85
CA ASP A 22 6.72 -23.46 2.96
C ASP A 22 5.29 -23.84 2.66
N CYS A 23 4.32 -23.02 3.03
CA CYS A 23 2.93 -23.35 2.80
C CYS A 23 2.36 -22.77 1.50
N GLY A 24 3.18 -22.09 0.71
CA GLY A 24 2.71 -21.57 -0.56
C GLY A 24 1.82 -20.36 -0.46
N ASP A 25 1.81 -19.67 0.68
CA ASP A 25 0.98 -18.47 0.82
C ASP A 25 1.50 -17.32 -0.03
N GLY A 26 2.82 -17.23 -0.21
CA GLY A 26 3.40 -16.12 -0.95
C GLY A 26 4.91 -16.18 -0.92
N GLY A 27 5.53 -15.01 -0.98
CA GLY A 27 6.97 -14.91 -1.04
C GLY A 27 7.62 -14.89 0.32
N PRO A 28 8.96 -14.92 0.34
CA PRO A 28 9.74 -15.00 1.60
C PRO A 28 9.83 -13.67 2.32
N PHE A 29 8.70 -13.23 2.88
CA PHE A 29 8.64 -11.96 3.60
C PHE A 29 7.73 -12.13 4.81
N GLY A 30 8.19 -11.61 5.96
CA GLY A 30 7.42 -11.67 7.17
C GLY A 30 7.41 -10.32 7.86
N ALA A 31 6.44 -10.15 8.76
CA ALA A 31 6.27 -8.91 9.50
C ALA A 31 5.60 -9.21 10.85
N VAL A 32 6.12 -8.58 11.89
CA VAL A 32 5.63 -8.75 13.25
C VAL A 32 5.40 -7.38 13.86
N ILE A 33 4.18 -7.10 14.30
CA ILE A 33 3.84 -5.85 14.97
C ILE A 33 3.69 -6.12 16.46
N VAL A 34 4.38 -5.31 17.26
CA VAL A 34 4.48 -5.48 18.71
C VAL A 34 4.00 -4.22 19.41
N HIS A 35 3.49 -4.40 20.63
CA HIS A 35 3.13 -3.30 21.52
C HIS A 35 3.79 -3.55 22.87
N ASN A 36 4.91 -2.86 23.12
CA ASN A 36 5.65 -2.96 24.39
C ASN A 36 5.98 -4.42 24.70
N ASN A 37 6.59 -5.10 23.72
CA ASN A 37 7.07 -6.47 23.79
C ASN A 37 5.95 -7.50 23.80
N GLU A 38 4.72 -7.12 23.48
CA GLU A 38 3.63 -8.05 23.25
C GLU A 38 3.32 -8.09 21.76
N VAL A 39 3.31 -9.28 21.18
CA VAL A 39 3.07 -9.41 19.74
C VAL A 39 1.59 -9.13 19.46
N VAL A 40 1.34 -8.11 18.64
CA VAL A 40 -0.02 -7.81 18.21
C VAL A 40 -0.35 -8.53 16.90
N ALA A 41 0.63 -8.67 16.01
CA ALA A 41 0.38 -9.38 14.76
C ALA A 41 1.64 -10.08 14.30
N SER A 42 1.47 -11.24 13.68
CA SER A 42 2.58 -12.02 13.13
C SER A 42 2.11 -12.58 11.79
N CYS A 43 2.71 -12.11 10.70
CA CYS A 43 2.17 -12.39 9.37
C CYS A 43 3.31 -12.60 8.38
N HIS A 44 2.95 -13.16 7.23
CA HIS A 44 3.86 -13.25 6.10
C HIS A 44 3.10 -12.86 4.84
N ASN A 45 3.81 -12.82 3.71
CA ASN A 45 3.20 -12.48 2.44
C ASN A 45 2.09 -13.48 2.10
N MET A 46 0.92 -12.95 1.72
CA MET A 46 -0.23 -13.75 1.36
C MET A 46 -0.72 -13.46 -0.05
N VAL A 47 0.16 -12.95 -0.92
CA VAL A 47 -0.27 -12.53 -2.25
C VAL A 47 -0.86 -13.70 -3.03
N LEU A 48 -0.18 -14.85 -2.98
CA LEU A 48 -0.67 -16.02 -3.72
C LEU A 48 -1.89 -16.62 -3.06
N LYS A 49 -1.89 -16.68 -1.72
CA LYS A 49 -3.02 -17.27 -1.01
C LYS A 49 -4.30 -16.48 -1.24
N TYR A 50 -4.21 -15.15 -1.17
CA TYR A 50 -5.40 -14.30 -1.26
C TYR A 50 -5.71 -13.83 -2.68
N THR A 51 -4.84 -14.14 -3.65
CA THR A 51 -4.91 -13.52 -4.98
C THR A 51 -5.02 -12.01 -4.83
N ASP A 52 -4.07 -11.44 -4.11
CA ASP A 52 -4.10 -10.03 -3.71
C ASP A 52 -2.68 -9.50 -3.74
N PRO A 53 -2.31 -8.73 -4.78
CA PRO A 53 -0.93 -8.21 -4.85
C PRO A 53 -0.62 -7.20 -3.77
N THR A 54 -1.62 -6.65 -3.08
CA THR A 54 -1.39 -5.76 -1.97
C THR A 54 -1.13 -6.51 -0.66
N ALA A 55 -1.35 -7.82 -0.64
CA ALA A 55 -1.23 -8.59 0.60
C ALA A 55 0.22 -8.92 0.91
N HIS A 56 1.09 -7.92 0.90
CA HIS A 56 2.45 -8.10 1.39
C HIS A 56 2.42 -8.41 2.88
N ALA A 57 3.56 -8.87 3.40
CA ALA A 57 3.65 -9.22 4.81
C ALA A 57 3.34 -8.02 5.70
N GLU A 58 3.89 -6.86 5.36
CA GLU A 58 3.70 -5.67 6.19
C GLU A 58 2.24 -5.20 6.16
N VAL A 59 1.63 -5.17 4.97
CA VAL A 59 0.23 -4.76 4.87
C VAL A 59 -0.67 -5.73 5.61
N THR A 60 -0.41 -7.04 5.46
CA THR A 60 -1.20 -8.05 6.16
C THR A 60 -1.09 -7.87 7.67
N ALA A 61 0.14 -7.66 8.17
CA ALA A 61 0.33 -7.46 9.60
C ALA A 61 -0.37 -6.20 10.08
N ILE A 62 -0.35 -5.14 9.27
CA ILE A 62 -1.03 -3.91 9.68
C ILE A 62 -2.54 -4.12 9.76
N ARG A 63 -3.12 -4.77 8.75
CA ARG A 63 -4.55 -5.07 8.78
C ARG A 63 -4.91 -5.89 10.01
N GLU A 64 -4.11 -6.92 10.31
CA GLU A 64 -4.45 -7.80 11.43
C GLU A 64 -4.24 -7.12 12.77
N ALA A 65 -3.21 -6.29 12.91
CA ALA A 65 -3.01 -5.56 14.15
C ALA A 65 -4.12 -4.54 14.38
N CYS A 66 -4.56 -3.89 13.30
CA CYS A 66 -5.62 -2.91 13.43
C CYS A 66 -6.93 -3.58 13.79
N LYS A 67 -7.18 -4.78 13.25
CA LYS A 67 -8.33 -5.57 13.67
C LYS A 67 -8.22 -5.99 15.14
N LYS A 68 -7.03 -6.43 15.55
CA LYS A 68 -6.83 -6.90 16.91
C LYS A 68 -7.06 -5.80 17.93
N LEU A 69 -6.60 -4.58 17.62
CA LEU A 69 -6.75 -3.47 18.56
C LEU A 69 -7.99 -2.63 18.29
N ASN A 70 -8.78 -2.98 17.28
CA ASN A 70 -10.05 -2.30 16.97
C ASN A 70 -9.86 -0.81 16.70
N LYS A 71 -8.77 -0.45 16.01
CA LYS A 71 -8.54 0.94 15.65
C LYS A 71 -7.63 0.99 14.43
N ILE A 72 -7.64 2.15 13.75
CA ILE A 72 -6.95 2.32 12.48
C ILE A 72 -5.57 2.95 12.64
N GLU A 73 -5.18 3.31 13.86
CA GLU A 73 -3.86 3.86 14.11
C GLU A 73 -3.12 2.98 15.11
N LEU A 74 -1.82 2.79 14.88
CA LEU A 74 -0.98 1.94 15.71
C LEU A 74 0.19 2.73 16.29
N SER A 75 -0.09 3.94 16.78
CA SER A 75 0.98 4.84 17.21
C SER A 75 1.77 4.31 18.40
N GLU A 76 1.22 3.34 19.12
CA GLU A 76 1.91 2.75 20.27
C GLU A 76 2.73 1.52 19.90
N CYS A 77 2.73 1.12 18.64
CA CYS A 77 3.28 -0.17 18.22
C CYS A 77 4.48 0.03 17.31
N GLU A 78 5.31 -1.01 17.23
CA GLU A 78 6.45 -1.05 16.34
C GLU A 78 6.32 -2.24 15.40
N ILE A 79 6.97 -2.16 14.25
CA ILE A 79 6.87 -3.20 13.22
C ILE A 79 8.26 -3.71 12.88
N TYR A 80 8.38 -5.03 12.76
CA TYR A 80 9.61 -5.71 12.40
C TYR A 80 9.37 -6.41 11.06
N ALA A 81 10.15 -6.03 10.05
CA ALA A 81 10.01 -6.58 8.71
C ALA A 81 11.24 -7.42 8.39
N SER A 82 11.00 -8.63 7.85
CA SER A 82 12.11 -9.48 7.43
C SER A 82 12.96 -8.79 6.37
N CYS A 83 12.33 -8.05 5.47
CA CYS A 83 13.01 -7.35 4.40
C CYS A 83 12.54 -5.91 4.37
N GLU A 84 13.41 -5.02 3.88
CA GLU A 84 13.12 -3.60 3.73
C GLU A 84 11.77 -3.41 3.05
N PRO A 85 10.80 -2.74 3.70
CA PRO A 85 9.48 -2.58 3.09
C PRO A 85 9.52 -1.81 1.79
N CYS A 86 8.71 -2.25 0.84
CA CYS A 86 8.59 -1.62 -0.47
C CYS A 86 7.87 -0.28 -0.35
N PRO A 87 7.79 0.50 -1.43
CA PRO A 87 7.05 1.77 -1.36
C PRO A 87 5.60 1.63 -0.89
N MET A 88 4.87 0.63 -1.38
CA MET A 88 3.49 0.44 -0.93
C MET A 88 3.46 0.18 0.58
N CYS A 89 4.30 -0.73 1.05
CA CYS A 89 4.30 -1.10 2.46
C CYS A 89 4.78 0.03 3.34
N PHE A 90 5.78 0.80 2.88
CA PHE A 90 6.23 1.93 3.67
C PHE A 90 5.18 3.02 3.75
N GLY A 91 4.43 3.21 2.66
CA GLY A 91 3.29 4.13 2.70
C GLY A 91 2.22 3.66 3.66
N ALA A 92 1.96 2.35 3.68
CA ALA A 92 1.00 1.80 4.64
C ALA A 92 1.48 1.98 6.07
N ILE A 93 2.78 1.80 6.29
CA ILE A 93 3.36 2.02 7.63
C ILE A 93 3.19 3.48 8.04
N HIS A 94 3.39 4.41 7.10
CA HIS A 94 3.15 5.82 7.38
C HIS A 94 1.70 6.05 7.78
N LEU A 95 0.75 5.56 6.97
CA LEU A 95 -0.65 5.79 7.26
C LEU A 95 -1.09 5.14 8.57
N SER A 96 -0.45 4.04 8.96
CA SER A 96 -0.78 3.33 10.19
C SER A 96 -0.29 4.07 11.44
N ARG A 97 0.59 5.05 11.29
CA ARG A 97 1.19 5.80 12.39
C ARG A 97 2.07 4.93 13.29
N LEU A 98 2.57 3.80 12.78
CA LEU A 98 3.49 2.99 13.55
C LEU A 98 4.71 3.82 13.95
N LYS A 99 5.12 3.69 15.22
CA LYS A 99 6.12 4.58 15.79
C LYS A 99 7.55 4.17 15.45
N ARG A 100 7.78 2.93 15.02
CA ARG A 100 9.13 2.47 14.77
C ARG A 100 9.11 1.29 13.82
N LEU A 101 10.09 1.24 12.93
CA LEU A 101 10.27 0.14 11.99
C LEU A 101 11.67 -0.42 12.15
N VAL A 102 11.77 -1.72 12.36
CA VAL A 102 13.03 -2.45 12.39
C VAL A 102 13.00 -3.44 11.22
N TYR A 103 13.94 -3.31 10.30
CA TYR A 103 13.95 -4.23 9.17
C TYR A 103 15.32 -4.90 9.05
N GLY A 104 15.29 -6.13 8.54
CA GLY A 104 16.46 -6.97 8.55
C GLY A 104 17.35 -6.87 7.32
N ALA A 105 16.81 -7.22 6.16
CA ALA A 105 17.59 -7.28 4.93
C ALA A 105 17.30 -6.07 4.05
N LYS A 106 18.35 -5.54 3.43
CA LYS A 106 18.18 -4.50 2.43
C LYS A 106 17.40 -5.05 1.24
N ALA A 107 16.68 -4.16 0.56
CA ALA A 107 15.83 -4.58 -0.55
C ALA A 107 16.64 -5.24 -1.67
N GLU A 108 17.93 -4.90 -1.77
CA GLU A 108 18.76 -5.49 -2.81
C GLU A 108 18.88 -7.00 -2.66
N ALA A 109 18.77 -7.51 -1.42
CA ALA A 109 18.79 -8.95 -1.21
C ALA A 109 17.60 -9.63 -1.86
N ALA A 110 16.45 -8.97 -1.88
CA ALA A 110 15.27 -9.52 -2.55
C ALA A 110 15.34 -9.30 -4.05
N ILE A 111 15.88 -8.15 -4.47
CA ILE A 111 16.05 -7.88 -5.91
C ILE A 111 16.99 -8.91 -6.53
N ALA A 112 18.01 -9.34 -5.78
CA ALA A 112 19.02 -10.24 -6.33
C ALA A 112 18.49 -11.62 -6.65
N ILE A 113 17.32 -12.00 -6.14
CA ILE A 113 16.74 -13.31 -6.41
C ILE A 113 15.47 -13.22 -7.25
N GLY A 114 15.19 -12.06 -7.85
CA GLY A 114 14.17 -11.97 -8.87
C GLY A 114 13.04 -10.98 -8.62
N PHE A 115 13.01 -10.25 -7.52
CA PHE A 115 11.93 -9.29 -7.31
C PHE A 115 12.28 -7.94 -7.94
N ASP A 116 11.24 -7.12 -8.12
CA ASP A 116 11.40 -5.85 -8.82
C ASP A 116 12.33 -4.91 -8.07
N ASP A 117 13.11 -4.13 -8.82
CA ASP A 117 13.79 -2.98 -8.25
C ASP A 117 12.72 -1.95 -7.91
N PHE A 118 12.30 -1.94 -6.65
CA PHE A 118 11.09 -1.25 -6.20
C PHE A 118 11.36 -0.80 -4.76
N ILE A 119 12.03 0.34 -4.63
CA ILE A 119 12.62 0.78 -3.37
C ILE A 119 11.97 2.09 -2.94
N ALA A 120 11.69 2.20 -1.65
CA ALA A 120 11.01 3.38 -1.09
C ALA A 120 12.04 4.48 -0.81
N ASP A 121 11.90 5.60 -1.53
CA ASP A 121 12.78 6.75 -1.30
C ASP A 121 12.65 7.27 0.11
N ALA A 122 11.43 7.35 0.64
CA ALA A 122 11.22 7.95 1.96
C ALA A 122 11.87 7.13 3.06
N LEU A 123 12.03 5.82 2.86
CA LEU A 123 12.70 5.00 3.85
C LEU A 123 14.19 5.26 3.87
N ARG A 124 14.79 5.44 2.69
CA ARG A 124 16.22 5.67 2.56
C ARG A 124 16.61 7.13 2.73
N GLY A 125 15.64 8.02 2.96
CA GLY A 125 15.95 9.42 3.16
C GLY A 125 16.14 10.23 1.90
N THR A 126 15.65 9.75 0.76
CA THR A 126 15.78 10.46 -0.50
C THR A 126 14.44 10.91 -1.06
N GLY A 127 13.39 10.90 -0.23
CA GLY A 127 12.08 11.35 -0.67
C GLY A 127 11.95 12.85 -0.61
N VAL A 128 11.22 13.41 -1.58
CA VAL A 128 10.94 14.83 -1.66
C VAL A 128 9.51 15.15 -1.26
N TYR A 129 8.55 14.47 -1.88
CA TYR A 129 7.13 14.67 -1.59
C TYR A 129 6.62 13.75 -0.49
N GLN A 130 7.38 12.73 -0.10
CA GLN A 130 7.02 11.84 1.00
C GLN A 130 8.16 11.92 2.01
N LYS A 131 7.86 12.42 3.21
CA LYS A 131 8.84 12.54 4.28
C LYS A 131 8.32 11.80 5.50
N SER A 132 8.92 10.64 5.78
CA SER A 132 8.65 9.93 7.02
C SER A 132 9.26 10.65 8.21
N SER A 133 8.72 10.34 9.39
CA SER A 133 9.32 10.76 10.65
C SER A 133 9.43 9.63 11.65
N LEU A 134 8.89 8.45 11.34
CA LEU A 134 9.03 7.32 12.25
C LEU A 134 10.47 6.90 12.36
N GLU A 135 10.84 6.35 13.52
CA GLU A 135 12.18 5.86 13.74
C GLU A 135 12.41 4.59 12.92
N ILE A 136 13.55 4.51 12.25
CA ILE A 136 13.88 3.39 11.38
C ILE A 136 15.22 2.81 11.79
N LYS A 137 15.26 1.49 11.98
CA LYS A 137 16.48 0.77 12.33
C LYS A 137 16.71 -0.32 11.28
N LYS A 138 17.90 -0.30 10.68
CA LYS A 138 18.35 -1.39 9.84
C LYS A 138 19.18 -2.34 10.69
N ALA A 139 18.83 -3.62 10.67
CA ALA A 139 19.47 -4.60 11.52
C ALA A 139 20.92 -4.83 11.09
N ASP A 140 21.78 -5.08 12.06
CA ASP A 140 23.18 -5.42 11.82
C ASP A 140 23.49 -6.77 12.44
N GLY A 141 24.69 -7.27 12.14
CA GLY A 141 25.18 -8.48 12.77
C GLY A 141 24.34 -9.69 12.45
N ASN A 142 23.96 -10.42 13.51
CA ASN A 142 23.26 -11.69 13.34
C ASN A 142 21.90 -11.50 12.70
N GLY A 143 21.18 -10.43 13.07
CA GLY A 143 19.88 -10.18 12.47
C GLY A 143 19.98 -9.96 10.98
N ALA A 144 20.94 -9.12 10.56
CA ALA A 144 21.16 -8.90 9.14
C ALA A 144 21.55 -10.18 8.44
N ALA A 145 22.40 -10.99 9.07
CA ALA A 145 22.82 -12.26 8.46
C ALA A 145 21.61 -13.18 8.22
N ILE A 146 20.76 -13.33 9.25
CA ILE A 146 19.57 -14.17 9.13
C ILE A 146 18.65 -13.65 8.02
N ALA A 147 18.34 -12.35 8.06
CA ALA A 147 17.41 -11.79 7.09
C ALA A 147 17.94 -11.94 5.67
N GLU A 148 19.24 -11.70 5.46
CA GLU A 148 19.82 -11.86 4.14
C GLU A 148 19.80 -13.32 3.71
N GLN A 149 20.05 -14.24 4.65
CA GLN A 149 20.08 -15.66 4.30
C GLN A 149 18.71 -16.15 3.85
N VAL A 150 17.64 -15.50 4.31
CA VAL A 150 16.29 -15.88 3.89
C VAL A 150 16.21 -16.08 2.38
N PHE A 151 16.82 -15.16 1.62
CA PHE A 151 16.62 -15.16 0.17
C PHE A 151 17.46 -16.20 -0.55
N GLN A 152 18.65 -16.51 -0.04
CA GLN A 152 19.41 -17.62 -0.63
C GLN A 152 18.82 -18.97 -0.24
N ASN A 153 18.26 -19.07 0.97
CA ASN A 153 17.70 -20.35 1.42
C ASN A 153 16.42 -20.69 0.67
N THR A 154 15.60 -19.69 0.34
CA THR A 154 14.30 -19.90 -0.27
C THR A 154 14.32 -19.76 -1.79
N LYS A 155 15.51 -19.68 -2.38
CA LYS A 155 15.61 -19.54 -3.83
C LYS A 155 14.97 -20.75 -4.53
N GLU A 156 14.05 -20.46 -5.45
CA GLU A 156 13.38 -21.49 -6.25
C GLU A 156 12.54 -22.44 -5.40
N LYS A 157 12.04 -21.96 -4.27
CA LYS A 157 11.07 -22.71 -3.47
C LYS A 157 9.66 -22.15 -3.58
N PHE A 158 9.50 -20.98 -4.21
CA PHE A 158 8.21 -20.32 -4.33
C PHE A 158 8.06 -19.79 -5.75
N ARG A 159 6.87 -19.27 -6.05
CA ARG A 159 6.58 -18.68 -7.35
C ARG A 159 6.73 -17.17 -7.26
N LEU A 160 7.54 -16.60 -8.16
CA LEU A 160 7.77 -15.17 -8.18
C LEU A 160 6.48 -14.41 -8.51
N TYR A 161 6.42 -13.16 -8.07
CA TYR A 161 5.26 -12.31 -8.31
C TYR A 161 5.64 -10.84 -8.27
N SER B 5 -14.10 7.99 -23.13
CA SER B 5 -14.31 6.99 -22.09
C SER B 5 -13.75 7.45 -20.74
N ASP B 6 -12.72 8.31 -20.79
CA ASP B 6 -12.06 8.76 -19.57
C ASP B 6 -13.01 9.54 -18.68
N HIS B 7 -13.81 10.44 -19.27
CA HIS B 7 -14.74 11.25 -18.48
C HIS B 7 -15.75 10.38 -17.75
N LYS B 8 -16.26 9.34 -18.42
CA LYS B 8 -17.29 8.49 -17.83
C LYS B 8 -16.76 7.77 -16.59
N PHE B 9 -15.59 7.14 -16.70
CA PHE B 9 -15.06 6.37 -15.58
C PHE B 9 -14.52 7.27 -14.47
N LEU B 10 -13.94 8.42 -14.82
CA LEU B 10 -13.56 9.38 -13.79
C LEU B 10 -14.78 9.88 -13.02
N THR B 11 -15.88 10.12 -13.73
CA THR B 11 -17.12 10.53 -13.08
C THR B 11 -17.64 9.42 -12.17
N GLN B 12 -17.55 8.17 -12.62
CA GLN B 12 -17.94 7.06 -11.76
C GLN B 12 -17.10 7.03 -10.48
N ALA B 13 -15.81 7.30 -10.60
CA ALA B 13 -14.95 7.35 -9.41
C ALA B 13 -15.36 8.48 -8.47
N VAL B 14 -15.66 9.66 -9.03
CA VAL B 14 -16.10 10.78 -8.20
C VAL B 14 -17.40 10.44 -7.47
N GLU B 15 -18.34 9.82 -8.18
CA GLU B 15 -19.60 9.42 -7.55
C GLU B 15 -19.37 8.36 -6.48
N GLU B 16 -18.39 7.48 -6.68
CA GLU B 16 -18.04 6.52 -5.64
C GLU B 16 -17.53 7.23 -4.39
N ALA B 17 -16.72 8.28 -4.58
CA ALA B 17 -16.24 9.06 -3.43
C ALA B 17 -17.42 9.64 -2.65
N TYR B 18 -18.35 10.28 -3.37
CA TYR B 18 -19.52 10.86 -2.71
C TYR B 18 -20.33 9.79 -1.98
N LYS B 19 -20.57 8.65 -2.64
CA LYS B 19 -21.34 7.57 -2.04
C LYS B 19 -20.67 7.05 -0.77
N GLY B 20 -19.35 6.88 -0.82
CA GLY B 20 -18.62 6.37 0.34
C GLY B 20 -18.70 7.30 1.54
N VAL B 21 -18.51 8.60 1.31
CA VAL B 21 -18.67 9.50 2.47
C VAL B 21 -20.12 9.56 2.93
N ASP B 22 -21.08 9.43 2.01
CA ASP B 22 -22.48 9.54 2.41
C ASP B 22 -22.91 8.39 3.30
N CYS B 23 -22.42 7.18 3.02
CA CYS B 23 -22.78 6.05 3.87
C CYS B 23 -21.77 5.80 4.99
N GLY B 24 -20.75 6.64 5.11
CA GLY B 24 -19.82 6.55 6.22
C GLY B 24 -18.73 5.52 6.10
N ASP B 25 -18.50 4.98 4.90
CA ASP B 25 -17.49 3.94 4.73
C ASP B 25 -16.08 4.48 4.94
N GLY B 26 -15.84 5.74 4.57
CA GLY B 26 -14.54 6.35 4.70
C GLY B 26 -14.50 7.76 4.15
N GLY B 27 -13.34 8.20 3.68
CA GLY B 27 -13.19 9.53 3.14
C GLY B 27 -13.65 9.61 1.70
N PRO B 28 -13.65 10.85 1.18
CA PRO B 28 -14.18 11.12 -0.18
C PRO B 28 -13.19 10.75 -1.29
N PHE B 29 -13.03 9.44 -1.49
CA PHE B 29 -12.11 8.92 -2.48
C PHE B 29 -12.76 7.74 -3.18
N GLY B 30 -12.71 7.74 -4.51
CA GLY B 30 -13.26 6.66 -5.29
C GLY B 30 -12.23 6.16 -6.28
N ALA B 31 -12.42 4.91 -6.70
CA ALA B 31 -11.54 4.28 -7.67
C ALA B 31 -12.32 3.26 -8.47
N VAL B 32 -12.16 3.29 -9.79
CA VAL B 32 -12.83 2.38 -10.71
C VAL B 32 -11.77 1.69 -11.55
N ILE B 33 -11.86 0.37 -11.67
CA ILE B 33 -10.92 -0.42 -12.46
C ILE B 33 -11.68 -1.02 -13.64
N VAL B 34 -11.13 -0.82 -14.84
CA VAL B 34 -11.84 -1.10 -16.09
C VAL B 34 -10.98 -2.01 -16.95
N HIS B 35 -11.62 -2.98 -17.61
CA HIS B 35 -10.95 -3.91 -18.53
C HIS B 35 -11.59 -3.74 -19.91
N ASN B 36 -10.95 -2.96 -20.77
CA ASN B 36 -11.40 -2.73 -22.14
C ASN B 36 -12.87 -2.30 -22.17
N ASN B 37 -13.14 -1.21 -21.46
CA ASN B 37 -14.45 -0.56 -21.31
C ASN B 37 -15.41 -1.35 -20.43
N GLU B 38 -14.98 -2.45 -19.81
CA GLU B 38 -15.81 -3.20 -18.87
C GLU B 38 -15.34 -2.93 -17.45
N VAL B 39 -16.26 -2.46 -16.60
CA VAL B 39 -15.91 -2.13 -15.23
C VAL B 39 -15.67 -3.41 -14.44
N VAL B 40 -14.45 -3.57 -13.94
CA VAL B 40 -14.12 -4.74 -13.13
C VAL B 40 -14.47 -4.50 -11.67
N ALA B 41 -14.10 -3.33 -11.14
CA ALA B 41 -14.37 -2.99 -9.75
C ALA B 41 -14.70 -1.51 -9.66
N SER B 42 -15.59 -1.18 -8.72
CA SER B 42 -16.00 0.19 -8.46
C SER B 42 -16.14 0.35 -6.95
N CYS B 43 -15.20 1.04 -6.32
CA CYS B 43 -15.11 1.08 -4.87
C CYS B 43 -14.78 2.48 -4.40
N HIS B 44 -14.86 2.66 -3.09
CA HIS B 44 -14.44 3.89 -2.43
C HIS B 44 -13.62 3.53 -1.19
N ASN B 45 -13.10 4.57 -0.53
CA ASN B 45 -12.35 4.39 0.70
C ASN B 45 -13.19 3.67 1.75
N MET B 46 -12.62 2.60 2.32
CA MET B 46 -13.32 1.79 3.32
C MET B 46 -12.58 1.76 4.66
N VAL B 47 -11.75 2.78 4.93
CA VAL B 47 -10.93 2.77 6.14
C VAL B 47 -11.81 2.70 7.38
N LEU B 48 -12.91 3.46 7.40
CA LEU B 48 -13.76 3.49 8.58
C LEU B 48 -14.59 2.21 8.71
N LYS B 49 -15.17 1.74 7.61
CA LYS B 49 -16.01 0.55 7.66
C LYS B 49 -15.20 -0.70 8.00
N TYR B 50 -13.97 -0.80 7.46
CA TYR B 50 -13.16 -1.99 7.63
C TYR B 50 -12.22 -1.91 8.83
N THR B 51 -12.10 -0.76 9.47
CA THR B 51 -11.07 -0.51 10.48
C THR B 51 -9.70 -0.92 9.94
N ASP B 52 -9.38 -0.34 8.77
CA ASP B 52 -8.21 -0.74 8.00
C ASP B 52 -7.64 0.51 7.34
N PRO B 53 -6.52 1.03 7.84
CA PRO B 53 -5.93 2.25 7.24
C PRO B 53 -5.36 2.01 5.84
N THR B 54 -5.17 0.76 5.42
CA THR B 54 -4.75 0.46 4.06
C THR B 54 -5.92 0.37 3.09
N ALA B 55 -7.15 0.44 3.57
CA ALA B 55 -8.33 0.24 2.73
C ALA B 55 -8.71 1.51 1.98
N HIS B 56 -7.73 2.18 1.38
CA HIS B 56 -8.00 3.29 0.50
C HIS B 56 -8.83 2.80 -0.70
N ALA B 57 -9.40 3.76 -1.43
CA ALA B 57 -10.23 3.42 -2.58
C ALA B 57 -9.45 2.61 -3.62
N GLU B 58 -8.21 3.03 -3.89
CA GLU B 58 -7.41 2.37 -4.92
C GLU B 58 -7.05 0.94 -4.49
N VAL B 59 -6.61 0.77 -3.25
CA VAL B 59 -6.25 -0.56 -2.76
C VAL B 59 -7.48 -1.47 -2.74
N THR B 60 -8.62 -0.93 -2.30
CA THR B 60 -9.86 -1.71 -2.27
C THR B 60 -10.26 -2.16 -3.68
N ALA B 61 -10.19 -1.23 -4.64
CA ALA B 61 -10.52 -1.58 -6.02
C ALA B 61 -9.57 -2.63 -6.56
N ILE B 62 -8.28 -2.53 -6.25
CA ILE B 62 -7.31 -3.51 -6.74
C ILE B 62 -7.62 -4.89 -6.15
N ARG B 63 -7.87 -4.95 -4.85
CA ARG B 63 -8.21 -6.21 -4.21
C ARG B 63 -9.44 -6.84 -4.86
N GLU B 64 -10.49 -6.04 -5.07
CA GLU B 64 -11.73 -6.57 -5.63
C GLU B 64 -11.53 -7.04 -7.06
N ALA B 65 -10.85 -6.23 -7.88
CA ALA B 65 -10.62 -6.60 -9.28
C ALA B 65 -9.81 -7.88 -9.37
N CYS B 66 -8.77 -7.99 -8.54
CA CYS B 66 -7.90 -9.16 -8.59
C CYS B 66 -8.66 -10.41 -8.16
N LYS B 67 -9.52 -10.28 -7.15
CA LYS B 67 -10.33 -11.42 -6.72
C LYS B 67 -11.35 -11.81 -7.79
N LYS B 68 -11.92 -10.82 -8.49
CA LYS B 68 -12.92 -11.12 -9.51
C LYS B 68 -12.29 -11.80 -10.73
N LEU B 69 -11.10 -11.36 -11.12
CA LEU B 69 -10.44 -11.88 -12.32
C LEU B 69 -9.55 -13.08 -12.04
N ASN B 70 -9.40 -13.47 -10.77
CA ASN B 70 -8.62 -14.66 -10.38
C ASN B 70 -7.16 -14.56 -10.81
N LYS B 71 -6.60 -13.35 -10.82
CA LYS B 71 -5.17 -13.19 -11.09
C LYS B 71 -4.67 -11.99 -10.30
N ILE B 72 -3.36 -12.02 -10.00
CA ILE B 72 -2.76 -10.98 -9.15
C ILE B 72 -2.21 -9.81 -9.95
N GLU B 73 -2.26 -9.87 -11.28
CA GLU B 73 -1.82 -8.77 -12.12
C GLU B 73 -2.99 -8.26 -12.96
N LEU B 74 -3.09 -6.94 -13.07
CA LEU B 74 -4.17 -6.29 -13.79
C LEU B 74 -3.64 -5.55 -15.02
N SER B 75 -2.75 -6.21 -15.78
CA SER B 75 -2.05 -5.54 -16.86
C SER B 75 -2.92 -5.23 -18.06
N GLU B 76 -4.10 -5.85 -18.16
CA GLU B 76 -5.07 -5.51 -19.19
C GLU B 76 -6.04 -4.44 -18.73
N CYS B 77 -5.88 -3.92 -17.52
CA CYS B 77 -6.86 -3.05 -16.89
C CYS B 77 -6.27 -1.66 -16.68
N GLU B 78 -7.16 -0.70 -16.46
CA GLU B 78 -6.78 0.67 -16.13
C GLU B 78 -7.56 1.11 -14.90
N ILE B 79 -6.99 2.04 -14.14
CA ILE B 79 -7.58 2.49 -12.89
C ILE B 79 -7.88 3.99 -13.00
N TYR B 80 -9.08 4.38 -12.57
CA TYR B 80 -9.50 5.77 -12.51
C TYR B 80 -9.66 6.14 -11.04
N ALA B 81 -8.87 7.10 -10.58
CA ALA B 81 -8.89 7.55 -9.19
C ALA B 81 -9.50 8.94 -9.11
N SER B 82 -10.47 9.12 -8.20
CA SER B 82 -11.05 10.43 -8.00
C SER B 82 -10.00 11.45 -7.57
N CYS B 83 -9.03 11.01 -6.76
CA CYS B 83 -7.93 11.84 -6.31
C CYS B 83 -6.60 11.17 -6.64
N GLU B 84 -5.56 11.98 -6.78
CA GLU B 84 -4.20 11.52 -7.02
C GLU B 84 -3.81 10.48 -5.98
N PRO B 85 -3.44 9.26 -6.38
CA PRO B 85 -3.13 8.21 -5.40
C PRO B 85 -1.96 8.57 -4.50
N CYS B 86 -2.08 8.17 -3.23
CA CYS B 86 -1.05 8.41 -2.25
C CYS B 86 0.13 7.49 -2.52
N PRO B 87 1.24 7.65 -1.77
CA PRO B 87 2.38 6.73 -1.96
C PRO B 87 2.04 5.25 -1.81
N MET B 88 1.24 4.88 -0.81
CA MET B 88 0.85 3.49 -0.64
C MET B 88 0.05 3.00 -1.85
N CYS B 89 -0.94 3.79 -2.27
CA CYS B 89 -1.79 3.39 -3.38
C CYS B 89 -1.04 3.37 -4.70
N PHE B 90 -0.11 4.30 -4.90
CA PHE B 90 0.70 4.26 -6.12
C PHE B 90 1.61 3.05 -6.13
N GLY B 91 2.18 2.70 -4.98
CA GLY B 91 2.91 1.44 -4.88
C GLY B 91 2.05 0.24 -5.21
N ALA B 92 0.81 0.24 -4.73
CA ALA B 92 -0.12 -0.86 -5.02
C ALA B 92 -0.44 -0.93 -6.51
N ILE B 93 -0.66 0.23 -7.13
CA ILE B 93 -0.92 0.27 -8.57
C ILE B 93 0.28 -0.27 -9.33
N HIS B 94 1.48 0.05 -8.88
CA HIS B 94 2.68 -0.51 -9.48
C HIS B 94 2.69 -2.03 -9.34
N LEU B 95 2.46 -2.53 -8.13
CA LEU B 95 2.55 -3.96 -7.89
C LEU B 95 1.46 -4.73 -8.64
N SER B 96 0.29 -4.11 -8.84
CA SER B 96 -0.80 -4.78 -9.54
C SER B 96 -0.58 -4.84 -11.05
N ARG B 97 0.45 -4.18 -11.57
CA ARG B 97 0.79 -4.15 -12.99
C ARG B 97 -0.29 -3.48 -13.84
N LEU B 98 -1.16 -2.67 -13.22
CA LEU B 98 -2.11 -1.89 -14.00
C LEU B 98 -1.37 -1.07 -15.05
N LYS B 99 -1.94 -0.98 -16.24
CA LYS B 99 -1.23 -0.39 -17.36
C LYS B 99 -1.47 1.10 -17.53
N ARG B 100 -2.53 1.65 -16.94
CA ARG B 100 -2.81 3.07 -17.07
C ARG B 100 -3.50 3.59 -15.82
N LEU B 101 -3.16 4.81 -15.42
CA LEU B 101 -3.79 5.49 -14.30
C LEU B 101 -4.29 6.84 -14.76
N VAL B 102 -5.58 7.10 -14.54
CA VAL B 102 -6.19 8.40 -14.76
C VAL B 102 -6.74 8.89 -13.43
N TYR B 103 -6.34 10.08 -13.02
CA TYR B 103 -6.81 10.62 -11.75
C TYR B 103 -7.32 12.05 -11.94
N GLY B 104 -8.31 12.42 -11.13
CA GLY B 104 -9.02 13.66 -11.31
C GLY B 104 -8.41 14.86 -10.61
N ALA B 105 -8.42 14.85 -9.28
CA ALA B 105 -7.95 15.97 -8.50
C ALA B 105 -6.50 15.77 -8.06
N LYS B 106 -5.78 16.89 -7.92
CA LYS B 106 -4.44 16.84 -7.36
C LYS B 106 -4.50 16.60 -5.86
N ALA B 107 -3.41 16.03 -5.33
CA ALA B 107 -3.37 15.71 -3.90
C ALA B 107 -3.54 16.95 -3.03
N GLU B 108 -3.13 18.12 -3.54
CA GLU B 108 -3.26 19.34 -2.77
C GLU B 108 -4.72 19.66 -2.45
N ALA B 109 -5.65 19.24 -3.31
CA ALA B 109 -7.06 19.47 -3.02
C ALA B 109 -7.50 18.71 -1.77
N ALA B 110 -6.98 17.50 -1.57
CA ALA B 110 -7.28 16.76 -0.35
C ALA B 110 -6.52 17.32 0.85
N ILE B 111 -5.26 17.71 0.63
CA ILE B 111 -4.47 18.30 1.70
C ILE B 111 -5.12 19.59 2.21
N ALA B 112 -5.83 20.30 1.32
CA ALA B 112 -6.44 21.57 1.70
C ALA B 112 -7.49 21.42 2.80
N ILE B 113 -8.14 20.26 2.88
CA ILE B 113 -9.17 20.04 3.89
C ILE B 113 -8.65 19.23 5.08
N GLY B 114 -7.33 19.10 5.21
CA GLY B 114 -6.74 18.53 6.41
C GLY B 114 -6.08 17.18 6.26
N PHE B 115 -6.07 16.60 5.07
CA PHE B 115 -5.44 15.30 4.90
C PHE B 115 -3.91 15.43 4.93
N ASP B 116 -3.25 14.30 5.18
CA ASP B 116 -1.81 14.27 5.32
C ASP B 116 -1.10 14.84 4.10
N ASP B 117 -0.05 15.63 4.36
CA ASP B 117 0.84 16.13 3.30
C ASP B 117 1.70 14.96 2.85
N PHE B 118 1.11 14.10 2.01
CA PHE B 118 1.56 12.72 1.80
C PHE B 118 1.42 12.42 0.31
N ILE B 119 2.49 12.68 -0.45
CA ILE B 119 2.43 12.67 -1.92
C ILE B 119 3.45 11.68 -2.45
N ALA B 120 3.08 10.95 -3.49
CA ALA B 120 3.90 9.88 -4.05
C ALA B 120 4.98 10.48 -4.95
N ASP B 121 6.24 10.33 -4.55
CA ASP B 121 7.36 10.82 -5.34
C ASP B 121 7.38 10.17 -6.73
N ALA B 122 7.11 8.87 -6.81
CA ALA B 122 7.17 8.18 -8.09
C ALA B 122 6.11 8.67 -9.06
N LEU B 123 4.95 9.11 -8.55
CA LEU B 123 3.94 9.65 -9.44
C LEU B 123 4.38 10.97 -10.06
N ARG B 124 4.98 11.84 -9.26
CA ARG B 124 5.43 13.14 -9.74
C ARG B 124 6.85 13.11 -10.30
N GLY B 125 7.49 11.95 -10.34
CA GLY B 125 8.83 11.82 -10.90
C GLY B 125 9.90 12.56 -10.13
N THR B 126 9.88 12.44 -8.79
CA THR B 126 10.80 13.18 -7.94
C THR B 126 11.67 12.26 -7.09
N GLY B 127 11.72 10.98 -7.42
CA GLY B 127 12.44 10.02 -6.62
C GLY B 127 13.84 9.71 -7.14
N VAL B 128 14.68 9.24 -6.23
CA VAL B 128 16.00 8.73 -6.60
C VAL B 128 15.93 7.24 -6.91
N TYR B 129 15.32 6.47 -6.01
CA TYR B 129 15.26 5.02 -6.15
C TYR B 129 14.01 4.57 -6.90
N GLN B 130 12.83 5.03 -6.48
CA GLN B 130 11.59 4.58 -7.10
C GLN B 130 11.32 5.39 -8.37
N LYS B 131 11.33 4.71 -9.50
CA LYS B 131 10.91 5.27 -10.78
C LYS B 131 9.63 4.61 -11.23
N SER B 132 8.96 5.24 -12.18
CA SER B 132 7.75 4.69 -12.77
C SER B 132 7.73 4.97 -14.26
N SER B 133 7.33 3.96 -15.04
CA SER B 133 7.02 4.15 -16.45
C SER B 133 5.54 3.91 -16.73
N LEU B 134 4.72 3.79 -15.69
CA LEU B 134 3.28 3.64 -15.86
C LEU B 134 2.71 4.86 -16.57
N GLU B 135 1.81 4.61 -17.52
CA GLU B 135 1.14 5.70 -18.21
C GLU B 135 0.19 6.40 -17.24
N ILE B 136 0.43 7.68 -17.00
CA ILE B 136 -0.33 8.45 -16.03
C ILE B 136 -0.94 9.65 -16.75
N LYS B 137 -2.25 9.82 -16.61
CA LYS B 137 -2.96 10.97 -17.15
C LYS B 137 -3.63 11.72 -16.02
N LYS B 138 -3.25 12.99 -15.85
CA LYS B 138 -3.95 13.91 -14.97
C LYS B 138 -5.07 14.57 -15.77
N ALA B 139 -6.31 14.35 -15.34
CA ALA B 139 -7.45 14.87 -16.09
C ALA B 139 -7.46 16.39 -16.06
N ASP B 140 -8.10 16.98 -17.07
CA ASP B 140 -8.19 18.43 -17.20
C ASP B 140 -9.63 18.83 -17.51
N GLY B 141 -9.89 20.13 -17.34
CA GLY B 141 -11.17 20.68 -17.75
C GLY B 141 -12.33 20.17 -16.91
N ASN B 142 -13.35 19.67 -17.60
CA ASN B 142 -14.61 19.17 -17.07
C ASN B 142 -14.49 18.32 -15.80
N GLY B 143 -14.21 17.03 -16.02
CA GLY B 143 -14.14 16.10 -14.92
C GLY B 143 -13.10 16.48 -13.88
N ALA B 144 -12.04 17.17 -14.30
CA ALA B 144 -11.02 17.60 -13.35
C ALA B 144 -11.59 18.60 -12.36
N ALA B 145 -12.33 19.61 -12.86
CA ALA B 145 -12.94 20.58 -11.96
C ALA B 145 -13.94 19.90 -11.03
N ILE B 146 -14.78 19.03 -11.59
CA ILE B 146 -15.75 18.32 -10.76
C ILE B 146 -15.05 17.50 -9.68
N ALA B 147 -13.94 16.84 -10.05
CA ALA B 147 -13.20 16.03 -9.09
C ALA B 147 -12.54 16.88 -8.01
N GLU B 148 -12.02 18.05 -8.39
CA GLU B 148 -11.40 18.93 -7.41
C GLU B 148 -12.41 19.41 -6.38
N GLN B 149 -13.65 19.65 -6.82
CA GLN B 149 -14.63 20.21 -5.89
C GLN B 149 -15.12 19.22 -4.82
N VAL B 150 -14.72 17.95 -4.93
CA VAL B 150 -15.22 16.92 -4.01
C VAL B 150 -14.91 17.26 -2.56
N PHE B 151 -13.68 17.73 -2.30
CA PHE B 151 -13.22 17.88 -0.93
C PHE B 151 -13.88 19.07 -0.24
N GLN B 152 -14.09 20.17 -0.96
CA GLN B 152 -14.88 21.25 -0.41
C GLN B 152 -16.33 20.82 -0.21
N ASN B 153 -16.83 19.95 -1.09
CA ASN B 153 -18.24 19.55 -0.96
C ASN B 153 -18.49 18.64 0.22
N THR B 154 -17.52 17.80 0.59
CA THR B 154 -17.76 16.76 1.56
C THR B 154 -17.09 16.98 2.92
N LYS B 155 -16.35 18.08 3.09
CA LYS B 155 -15.49 18.20 4.28
C LYS B 155 -16.27 18.24 5.58
N GLU B 156 -17.56 18.59 5.54
CA GLU B 156 -18.37 18.62 6.75
C GLU B 156 -19.02 17.27 7.07
N LYS B 157 -18.93 16.29 6.17
CA LYS B 157 -19.69 15.06 6.27
C LYS B 157 -18.91 13.88 6.82
N PHE B 158 -17.63 14.05 7.14
CA PHE B 158 -16.84 12.93 7.63
C PHE B 158 -15.75 13.45 8.56
N ARG B 159 -15.16 12.53 9.31
CA ARG B 159 -14.06 12.82 10.22
C ARG B 159 -12.75 12.37 9.59
N LEU B 160 -11.71 13.21 9.75
CA LEU B 160 -10.42 12.94 9.14
C LEU B 160 -9.80 11.67 9.74
N TYR B 161 -8.85 11.11 9.01
CA TYR B 161 -8.16 9.90 9.44
C TYR B 161 -6.75 9.84 8.83
ZN ZN C . 5.57 -4.30 0.36
C01 H5F D . 7.65 -9.14 -2.59
C03 H5F D . 6.99 -8.42 -0.60
C04 H5F D . 6.38 -8.20 0.77
C06 H5F D . 7.41 -5.96 0.87
C09 H5F D . 7.76 -7.43 -1.18
C11 H5F D . 9.00 -7.15 -3.35
C12 H5F D . 8.88 -5.63 -3.67
C13 H5F D . 10.06 -5.34 -4.07
C14 H5F D . 11.07 -6.27 -3.17
C16 H5F D . 11.82 -5.40 -2.17
N02 H5F D . 6.92 -9.47 -1.49
N05 H5F D . 6.62 -6.99 1.47
N08 H5F D . 7.99 -6.16 -0.45
N10 H5F D . 8.16 -7.88 -2.40
N20 H5F D . 5.56 -9.27 1.38
O07 H5F D . 7.60 -4.94 1.46
O15 H5F D . 10.32 -7.18 -2.57
O17 H5F D . 10.97 -5.09 -1.11
O18 H5F D . 10.20 -5.73 -5.42
O19 H5F D . 7.89 -5.42 -4.72
ZN ZN E . -3.89 5.90 -0.97
C01 H5F F . -7.26 9.52 2.35
C03 H5F F . -7.33 8.15 0.62
C04 H5F F . -7.66 7.12 -0.45
C06 H5F F . -5.54 7.62 -1.60
C09 H5F F . -6.15 8.86 0.53
C11 H5F F . -5.04 10.67 1.92
C12 H5F F . -3.51 10.43 1.71
C13 H5F F . -3.07 11.63 1.54
C14 H5F F . -4.27 12.46 0.80
C16 H5F F . -3.86 12.84 -0.62
N02 H5F F . -8.00 8.55 1.75
N05 H5F F . -6.77 6.88 -1.52
N08 H5F F . -5.22 8.62 -0.58
N10 H5F F . -6.11 9.71 1.60
N20 H5F F . -8.93 6.35 -0.35
O07 H5F F . -4.79 7.42 -2.49
O15 H5F F . -5.34 11.67 0.81
O17 H5F F . -3.65 11.68 -1.36
O18 H5F F . -2.82 12.22 2.78
O19 H5F F . -2.91 9.84 2.90
#